data_5I56
#
_entry.id   5I56
#
_cell.length_a   54.259
_cell.length_b   88.402
_cell.length_c   126.146
_cell.angle_alpha   90.00
_cell.angle_beta   90.00
_cell.angle_gamma   90.00
#
_symmetry.space_group_name_H-M   'P 21 21 21'
#
loop_
_entity.id
_entity.type
_entity.pdbx_description
1 polymer 'Glutamate receptor ionotropic, NMDA 1,Glutamate receptor ionotropic, NMDA 1'
2 polymer 'Glutamate receptor ionotropic, NMDA 2A,Glutamate receptor ionotropic, NMDA 2A'
3 non-polymer GLYCINE
4 non-polymer 'GLUTAMIC ACID'
5 non-polymer N-({4-[2-(benzenecarbonyl)hydrazinecarbonyl]phenyl}methyl)-3-chloro-4-fluorobenzene-1-sulfonamide
6 water water
#
loop_
_entity_poly.entity_id
_entity_poly.type
_entity_poly.pdbx_seq_one_letter_code
_entity_poly.pdbx_strand_id
1 'polypeptide(L)'
;GMSTRLKIVTIHQEPFVYVKPTMSDGTCKEEFTVNGDPVKKVICTGPNDTSPGSPRHTVPQCCYGFCIDLLIKLARTMNF
TYEVHLVADGKFGTQERVNNSNKKEWNGMMGELLSGQADMIVAPLTINNERAQYIEFSKPFKYQGLTILVKKGTRITGIN
DPRLRNPSDKFIYATVKQSSVDIYFRRQVELSTMYRHMEKHNYESAAEAIQAVRDNKLHAFIWDSAVLEFEASQKCDLVT
TGELFFRSGFGIGMRKDSPWKQNVSLSILKSHENGFMEDLDKTWVRYQECDS
;
A
2 'polypeptide(L)'
;SDDNHLSIVTLEEAPFVIVEDIDPLTETCVRNTVPCRKFVKINNSTNEGMNVKKCCKGFCIDILKKLSRTVKFTYDLYLV
TNGKHGKKVNNVWNGMIGEVVYQRAVMAVGSLTINEERSEVVDFSVPFVETGISVMVSRGTQVTGLSDKKFQRPHDYSPP
FRFGTVPNGSTERNIRNNYPYMHQYMTRFNQRGVEDALVSLKTGKLDAFIYDAAVLNYKAGRDEGCKLVTIGSGYIFATT
GYGIALQKGSPWKRQIDLALLQFVGDGEMEELETLWLTGIC
;
B
#
loop_
_chem_comp.id
_chem_comp.type
_chem_comp.name
_chem_comp.formula
67P non-polymer N-({4-[2-(benzenecarbonyl)hydrazinecarbonyl]phenyl}methyl)-3-chloro-4-fluorobenzene-1-sulfonamide 'C21 H17 Cl F N3 O4 S'
#
# COMPACT_ATOMS: atom_id res chain seq x y z
N THR A 4 -18.12 15.30 -19.28
CA THR A 4 -19.32 15.32 -18.45
C THR A 4 -18.97 15.46 -16.97
N ARG A 5 -19.99 15.73 -16.15
CA ARG A 5 -19.81 15.89 -14.71
C ARG A 5 -19.75 14.55 -13.99
N LEU A 6 -18.69 14.33 -13.23
CA LEU A 6 -18.51 13.05 -12.53
C LEU A 6 -19.40 12.94 -11.29
N LYS A 7 -20.25 11.91 -11.28
CA LYS A 7 -21.00 11.56 -10.08
C LYS A 7 -20.11 10.80 -9.10
N ILE A 8 -19.77 11.45 -8.00
CA ILE A 8 -18.90 10.88 -7.00
C ILE A 8 -19.72 10.31 -5.86
N VAL A 9 -19.51 9.04 -5.54
CA VAL A 9 -20.14 8.46 -4.36
C VAL A 9 -19.09 8.31 -3.26
N THR A 10 -19.50 8.60 -2.03
CA THR A 10 -18.64 8.40 -0.87
C THR A 10 -19.49 7.87 0.27
N ILE A 11 -18.90 7.80 1.45
CA ILE A 11 -19.57 7.23 2.60
C ILE A 11 -19.07 7.94 3.84
N HIS A 12 -19.90 8.04 4.88
CA HIS A 12 -19.45 8.63 6.14
C HIS A 12 -18.44 7.71 6.82
N GLN A 13 -17.25 8.25 7.10
CA GLN A 13 -16.18 7.48 7.74
C GLN A 13 -15.04 8.38 8.19
N GLU A 14 -15.10 8.82 9.44
CA GLU A 14 -14.07 9.70 9.99
C GLU A 14 -12.75 8.94 10.23
N PRO A 15 -11.61 9.60 9.97
CA PRO A 15 -11.45 11.01 9.58
C PRO A 15 -11.38 11.24 8.06
N PHE A 16 -11.72 10.23 7.27
CA PHE A 16 -11.62 10.35 5.82
C PHE A 16 -12.79 11.14 5.24
N VAL A 17 -14.00 10.87 5.75
CA VAL A 17 -15.17 11.64 5.36
C VAL A 17 -16.01 12.03 6.57
N TYR A 18 -16.06 13.32 6.88
CA TYR A 18 -16.98 13.84 7.89
C TYR A 18 -18.27 14.27 7.23
N VAL A 19 -19.40 14.09 7.92
CA VAL A 19 -20.68 14.51 7.36
C VAL A 19 -21.47 15.33 8.38
N LYS A 20 -21.77 16.58 8.01
CA LYS A 20 -22.44 17.50 8.92
C LYS A 20 -23.65 18.14 8.24
N PRO A 21 -24.66 18.50 9.05
CA PRO A 21 -25.79 19.27 8.53
C PRO A 21 -25.34 20.61 7.94
N THR A 22 -26.02 21.08 6.90
CA THR A 22 -25.81 22.45 6.43
C THR A 22 -26.34 23.40 7.48
N MET A 23 -26.01 24.68 7.36
CA MET A 23 -26.62 25.68 8.24
C MET A 23 -28.02 25.99 7.75
N SER A 24 -28.70 26.91 8.43
CA SER A 24 -30.07 27.29 8.08
C SER A 24 -30.21 27.68 6.61
N ASP A 25 -29.25 28.46 6.12
CA ASP A 25 -29.30 29.00 4.76
C ASP A 25 -28.84 27.99 3.70
N GLY A 26 -28.48 26.78 4.12
CA GLY A 26 -28.07 25.75 3.19
C GLY A 26 -26.60 25.81 2.79
N THR A 27 -25.81 26.52 3.58
CA THR A 27 -24.38 26.63 3.34
C THR A 27 -23.58 25.95 4.44
N CYS A 28 -22.34 25.63 4.14
CA CYS A 28 -21.44 25.00 5.11
CA CYS A 28 -21.47 24.99 5.13
C CYS A 28 -20.76 26.04 5.99
N LYS A 29 -20.73 25.79 7.30
CA LYS A 29 -20.09 26.72 8.21
C LYS A 29 -18.59 26.76 7.93
N GLU A 30 -18.04 27.96 7.79
CA GLU A 30 -16.60 28.12 7.57
C GLU A 30 -15.81 27.72 8.80
N GLU A 31 -15.07 26.63 8.70
CA GLU A 31 -14.27 26.14 9.82
C GLU A 31 -12.80 25.98 9.43
N PHE A 32 -11.94 25.82 10.44
CA PHE A 32 -10.52 25.72 10.20
C PHE A 32 -9.95 24.42 10.75
N THR A 33 -8.80 24.03 10.22
CA THR A 33 -8.11 22.83 10.68
C THR A 33 -7.24 23.13 11.90
N VAL A 34 -6.65 22.09 12.46
CA VAL A 34 -5.80 22.22 13.64
C VAL A 34 -4.57 23.10 13.33
N ASN A 35 -4.07 23.02 12.10
CA ASN A 35 -2.89 23.79 11.70
C ASN A 35 -3.21 25.19 11.18
N GLY A 36 -4.48 25.59 11.28
CA GLY A 36 -4.87 26.94 10.94
C GLY A 36 -5.45 27.11 9.54
N ASP A 37 -5.29 26.11 8.68
CA ASP A 37 -5.80 26.17 7.32
C ASP A 37 -7.33 26.08 7.26
N PRO A 38 -7.94 26.72 6.25
CA PRO A 38 -9.40 26.59 6.09
C PRO A 38 -9.79 25.17 5.72
N VAL A 39 -10.92 24.71 6.23
CA VAL A 39 -11.42 23.40 5.87
C VAL A 39 -12.13 23.49 4.52
N LYS A 40 -11.69 22.70 3.56
CA LYS A 40 -12.35 22.64 2.26
C LYS A 40 -13.57 21.73 2.34
N LYS A 41 -14.76 22.33 2.31
CA LYS A 41 -16.01 21.60 2.42
C LYS A 41 -16.74 21.59 1.08
N VAL A 42 -17.48 20.52 0.80
CA VAL A 42 -18.34 20.50 -0.38
C VAL A 42 -19.73 20.01 0.01
N ILE A 43 -20.71 20.41 -0.80
CA ILE A 43 -22.10 20.00 -0.61
C ILE A 43 -22.32 18.58 -1.12
N CYS A 44 -22.80 17.71 -0.26
CA CYS A 44 -23.09 16.33 -0.65
C CYS A 44 -24.51 15.94 -0.25
N THR A 45 -25.27 15.41 -1.19
CA THR A 45 -26.63 14.97 -0.92
C THR A 45 -26.61 13.53 -0.43
N GLY A 46 -27.50 13.21 0.49
CA GLY A 46 -27.60 11.86 1.01
C GLY A 46 -28.74 11.73 2.00
N PRO A 47 -29.15 10.48 2.28
CA PRO A 47 -30.21 10.21 3.24
C PRO A 47 -29.78 10.59 4.65
N ASN A 48 -30.74 10.98 5.48
CA ASN A 48 -30.48 11.30 6.88
C ASN A 48 -30.85 10.13 7.78
N ASP A 49 -32.06 9.60 7.59
CA ASP A 49 -32.52 8.44 8.34
C ASP A 49 -31.74 7.20 7.91
N THR A 50 -31.07 6.56 8.86
CA THR A 50 -30.16 5.47 8.55
C THR A 50 -30.73 4.08 8.86
N SER A 51 -31.99 4.04 9.27
CA SER A 51 -32.63 2.77 9.63
C SER A 51 -32.74 1.83 8.43
N PRO A 52 -32.37 0.55 8.62
CA PRO A 52 -32.41 -0.45 7.55
C PRO A 52 -33.83 -0.84 7.16
N GLY A 53 -34.16 -0.63 5.89
CA GLY A 53 -35.49 -0.94 5.37
C GLY A 53 -36.44 0.23 5.45
N SER A 54 -35.88 1.44 5.46
CA SER A 54 -36.68 2.67 5.58
C SER A 54 -36.55 3.54 4.34
N PRO A 55 -37.53 4.43 4.10
CA PRO A 55 -37.43 5.39 3.00
C PRO A 55 -36.19 6.27 3.14
N ARG A 56 -35.60 6.64 2.01
CA ARG A 56 -34.31 7.34 2.03
C ARG A 56 -34.34 8.67 1.29
N HIS A 57 -34.91 9.69 1.93
CA HIS A 57 -35.01 11.02 1.35
C HIS A 57 -33.68 11.76 1.44
N THR A 58 -33.17 12.22 0.29
CA THR A 58 -31.89 12.90 0.25
C THR A 58 -32.01 14.38 0.62
N VAL A 59 -31.09 14.83 1.46
CA VAL A 59 -31.01 16.23 1.84
C VAL A 59 -29.57 16.69 1.60
N PRO A 60 -29.39 17.94 1.14
CA PRO A 60 -28.04 18.51 1.07
C PRO A 60 -27.34 18.51 2.44
N GLN A 61 -26.08 18.10 2.43
CA GLN A 61 -25.28 18.07 3.65
C GLN A 61 -23.87 18.55 3.36
N CYS A 62 -23.04 18.61 4.38
CA CYS A 62 -21.67 19.08 4.23
CA CYS A 62 -21.67 19.09 4.24
C CYS A 62 -20.66 17.98 4.50
N CYS A 63 -19.79 17.73 3.53
CA CYS A 63 -18.73 16.73 3.65
CA CYS A 63 -18.72 16.76 3.75
C CYS A 63 -17.34 17.37 3.59
N TYR A 64 -16.41 16.86 4.38
CA TYR A 64 -15.03 17.31 4.35
C TYR A 64 -14.17 16.21 4.93
N GLY A 65 -12.86 16.36 4.79
CA GLY A 65 -11.93 15.40 5.36
C GLY A 65 -10.88 14.97 4.36
N PHE A 66 -10.15 13.93 4.74
CA PHE A 66 -9.04 13.39 3.97
C PHE A 66 -9.42 13.11 2.52
N CYS A 67 -10.50 12.36 2.35
CA CYS A 67 -10.91 11.92 1.02
C CYS A 67 -11.49 13.05 0.18
N ILE A 68 -12.09 14.04 0.84
CA ILE A 68 -12.62 15.19 0.15
C ILE A 68 -11.48 16.07 -0.37
N ASP A 69 -10.46 16.27 0.45
CA ASP A 69 -9.24 16.98 0.04
C ASP A 69 -8.56 16.30 -1.14
N LEU A 70 -8.58 14.96 -1.13
CA LEU A 70 -8.02 14.18 -2.22
C LEU A 70 -8.82 14.40 -3.51
N LEU A 71 -10.15 14.32 -3.39
CA LEU A 71 -11.04 14.55 -4.53
C LEU A 71 -10.81 15.92 -5.16
N ILE A 72 -10.78 16.95 -4.31
CA ILE A 72 -10.53 18.33 -4.73
C ILE A 72 -9.20 18.47 -5.47
N LYS A 73 -8.16 17.80 -4.95
CA LYS A 73 -6.85 17.80 -5.60
C LYS A 73 -6.91 17.11 -6.96
N LEU A 74 -7.54 15.94 -6.99
CA LEU A 74 -7.72 15.19 -8.22
C LEU A 74 -8.55 15.96 -9.26
N ALA A 75 -9.55 16.69 -8.77
CA ALA A 75 -10.42 17.47 -9.65
C ALA A 75 -9.68 18.64 -10.29
N ARG A 76 -8.87 19.34 -9.49
CA ARG A 76 -8.09 20.46 -10.00
C ARG A 76 -6.98 19.98 -10.93
N THR A 77 -6.35 18.87 -10.57
CA THR A 77 -5.22 18.32 -11.34
C THR A 77 -5.62 17.85 -12.73
N MET A 78 -6.69 17.06 -12.81
CA MET A 78 -7.12 16.48 -14.08
C MET A 78 -8.30 17.23 -14.69
N ASN A 79 -8.62 18.39 -14.13
CA ASN A 79 -9.56 19.34 -14.72
C ASN A 79 -10.96 18.75 -14.96
N PHE A 80 -11.60 18.24 -13.91
CA PHE A 80 -12.99 17.82 -14.05
C PHE A 80 -13.88 18.38 -12.94
N THR A 81 -15.19 18.43 -13.21
CA THR A 81 -16.17 18.86 -12.22
C THR A 81 -16.89 17.65 -11.63
N TYR A 82 -17.49 17.83 -10.47
CA TYR A 82 -18.05 16.69 -9.74
C TYR A 82 -19.31 17.03 -8.93
N GLU A 83 -20.14 16.00 -8.73
CA GLU A 83 -21.24 16.04 -7.77
C GLU A 83 -21.05 14.90 -6.79
N VAL A 84 -20.95 15.23 -5.51
CA VAL A 84 -20.75 14.22 -4.47
C VAL A 84 -22.07 13.84 -3.83
N HIS A 85 -22.32 12.53 -3.69
CA HIS A 85 -23.46 12.07 -2.90
C HIS A 85 -23.04 10.88 -2.03
N LEU A 86 -23.78 10.69 -0.93
CA LEU A 86 -23.52 9.59 -0.01
C LEU A 86 -24.23 8.33 -0.48
N VAL A 87 -23.59 7.19 -0.29
CA VAL A 87 -24.18 5.92 -0.72
C VAL A 87 -25.52 5.70 -0.01
N ALA A 88 -26.53 5.28 -0.77
CA ALA A 88 -27.89 5.20 -0.26
C ALA A 88 -28.09 4.18 0.86
N ASP A 89 -27.47 3.00 0.75
CA ASP A 89 -27.69 1.99 1.79
C ASP A 89 -26.62 2.07 2.89
N GLY A 90 -25.71 3.03 2.75
CA GLY A 90 -24.66 3.24 3.74
C GLY A 90 -23.62 2.13 3.86
N LYS A 91 -23.46 1.33 2.82
CA LYS A 91 -22.50 0.22 2.84
C LYS A 91 -21.36 0.41 1.84
N PHE A 92 -20.22 -0.21 2.12
CA PHE A 92 -19.08 -0.14 1.21
C PHE A 92 -19.34 -0.98 -0.03
N GLY A 93 -19.74 -2.23 0.18
CA GLY A 93 -20.11 -3.08 -0.94
C GLY A 93 -19.56 -4.48 -0.91
N THR A 94 -20.47 -5.45 -0.95
CA THR A 94 -20.11 -6.86 -1.11
C THR A 94 -20.96 -7.49 -2.21
N GLN A 95 -20.62 -8.72 -2.58
CA GLN A 95 -21.41 -9.47 -3.55
C GLN A 95 -22.20 -10.56 -2.86
N GLU A 96 -23.52 -10.56 -3.07
CA GLU A 96 -24.40 -11.51 -2.37
C GLU A 96 -25.31 -12.29 -3.33
N ARG A 97 -25.58 -13.55 -2.98
CA ARG A 97 -26.58 -14.35 -3.70
C ARG A 97 -27.96 -13.79 -3.35
N VAL A 98 -28.94 -13.94 -4.24
CA VAL A 98 -30.21 -13.24 -4.03
C VAL A 98 -31.50 -14.06 -3.71
N ASN A 99 -31.77 -15.24 -4.27
CA ASN A 99 -30.93 -16.09 -5.10
C ASN A 99 -30.55 -15.51 -6.46
N ASN A 102 -29.19 -18.23 -7.49
CA ASN A 102 -28.18 -18.41 -8.52
C ASN A 102 -27.48 -17.10 -8.88
N LYS A 103 -28.28 -16.06 -9.14
CA LYS A 103 -27.78 -14.74 -9.47
C LYS A 103 -27.03 -14.11 -8.28
N LYS A 104 -26.07 -13.23 -8.58
CA LYS A 104 -25.41 -12.45 -7.54
C LYS A 104 -25.48 -10.95 -7.86
N GLU A 105 -25.43 -10.14 -6.82
CA GLU A 105 -25.48 -8.69 -6.97
C GLU A 105 -24.50 -8.00 -6.03
N TRP A 106 -24.08 -6.79 -6.40
CA TRP A 106 -23.30 -5.94 -5.51
C TRP A 106 -24.21 -4.95 -4.81
N ASN A 107 -23.87 -4.65 -3.56
CA ASN A 107 -24.56 -3.60 -2.81
C ASN A 107 -23.59 -2.46 -2.54
N GLY A 108 -24.02 -1.51 -1.72
CA GLY A 108 -23.13 -0.43 -1.29
C GLY A 108 -22.58 0.41 -2.43
N MET A 109 -21.42 1.02 -2.20
CA MET A 109 -20.81 1.88 -3.19
C MET A 109 -20.44 1.12 -4.46
N MET A 110 -20.08 -0.16 -4.30
CA MET A 110 -19.79 -1.03 -5.44
C MET A 110 -20.99 -1.11 -6.39
N GLY A 111 -22.16 -1.33 -5.82
CA GLY A 111 -23.39 -1.43 -6.59
C GLY A 111 -23.69 -0.17 -7.37
N GLU A 112 -23.51 0.99 -6.73
CA GLU A 112 -23.80 2.26 -7.38
C GLU A 112 -22.81 2.57 -8.52
N LEU A 113 -21.55 2.17 -8.35
CA LEU A 113 -20.55 2.38 -9.40
C LEU A 113 -20.85 1.54 -10.63
N LEU A 114 -21.34 0.32 -10.41
CA LEU A 114 -21.64 -0.59 -11.51
C LEU A 114 -22.96 -0.30 -12.21
N SER A 115 -23.97 0.13 -11.44
CA SER A 115 -25.28 0.44 -12.02
C SER A 115 -25.24 1.73 -12.84
N GLY A 116 -24.27 2.60 -12.53
CA GLY A 116 -24.14 3.86 -13.23
C GLY A 116 -24.60 5.04 -12.40
N GLN A 117 -25.03 4.78 -11.17
CA GLN A 117 -25.43 5.84 -10.25
C GLN A 117 -24.23 6.67 -9.82
N ALA A 118 -23.05 6.08 -9.91
CA ALA A 118 -21.82 6.79 -9.60
C ALA A 118 -20.80 6.58 -10.72
N ASP A 119 -19.94 7.57 -10.92
CA ASP A 119 -18.89 7.48 -11.92
C ASP A 119 -17.54 7.22 -11.27
N MET A 120 -17.48 7.40 -9.95
CA MET A 120 -16.23 7.26 -9.21
C MET A 120 -16.46 7.12 -7.72
N ILE A 121 -15.77 6.16 -7.10
CA ILE A 121 -15.81 6.00 -5.65
C ILE A 121 -14.63 6.68 -5.00
N VAL A 122 -14.88 7.72 -4.22
CA VAL A 122 -13.82 8.35 -3.44
C VAL A 122 -14.15 8.15 -1.97
N ALA A 123 -13.45 7.20 -1.36
CA ALA A 123 -13.81 6.73 -0.02
C ALA A 123 -12.70 5.82 0.48
N PRO A 124 -12.64 5.59 1.80
CA PRO A 124 -11.68 4.58 2.30
C PRO A 124 -12.10 3.19 1.87
N LEU A 125 -11.90 2.90 0.58
CA LEU A 125 -12.41 1.70 -0.06
C LEU A 125 -11.32 0.65 -0.27
N THR A 126 -11.43 -0.46 0.46
CA THR A 126 -10.39 -1.48 0.46
C THR A 126 -10.27 -2.23 -0.88
N ILE A 127 -9.03 -2.29 -1.38
CA ILE A 127 -8.71 -3.04 -2.59
C ILE A 127 -8.63 -4.55 -2.30
N ASN A 128 -9.46 -5.34 -2.98
CA ASN A 128 -9.37 -6.80 -2.86
C ASN A 128 -9.71 -7.50 -4.17
N ASN A 129 -9.46 -8.81 -4.21
CA ASN A 129 -9.68 -9.60 -5.42
C ASN A 129 -11.12 -9.53 -5.93
N GLU A 130 -12.06 -9.69 -5.01
CA GLU A 130 -13.50 -9.71 -5.33
C GLU A 130 -13.97 -8.46 -6.08
N ARG A 131 -13.57 -7.30 -5.57
CA ARG A 131 -13.97 -6.03 -6.18
C ARG A 131 -13.21 -5.76 -7.47
N ALA A 132 -11.93 -6.16 -7.50
CA ALA A 132 -11.07 -5.88 -8.66
C ALA A 132 -11.50 -6.66 -9.90
N GLN A 133 -12.23 -7.75 -9.70
CA GLN A 133 -12.76 -8.49 -10.85
C GLN A 133 -13.78 -7.63 -11.61
N TYR A 134 -14.47 -6.75 -10.88
CA TYR A 134 -15.58 -6.01 -11.45
C TYR A 134 -15.28 -4.54 -11.74
N ILE A 135 -14.38 -3.95 -10.96
CA ILE A 135 -14.04 -2.54 -11.16
C ILE A 135 -12.53 -2.31 -11.24
N GLU A 136 -12.16 -1.08 -11.55
CA GLU A 136 -10.76 -0.68 -11.62
C GLU A 136 -10.37 0.14 -10.40
N PHE A 137 -9.31 -0.28 -9.73
CA PHE A 137 -8.76 0.48 -8.61
C PHE A 137 -7.54 1.30 -9.06
N SER A 138 -7.38 2.48 -8.46
CA SER A 138 -6.14 3.21 -8.58
C SER A 138 -5.06 2.51 -7.77
N LYS A 139 -3.81 2.96 -7.92
CA LYS A 139 -2.80 2.62 -6.94
C LYS A 139 -3.27 3.16 -5.60
N PRO A 140 -2.95 2.45 -4.50
CA PRO A 140 -3.41 2.84 -3.17
C PRO A 140 -3.06 4.26 -2.79
N PHE A 141 -4.00 5.01 -2.22
CA PHE A 141 -3.68 6.32 -1.70
C PHE A 141 -3.44 6.25 -0.21
N LYS A 142 -3.56 5.06 0.36
CA LYS A 142 -3.34 4.88 1.78
C LYS A 142 -2.99 3.42 2.10
N TYR A 143 -1.82 3.22 2.71
CA TYR A 143 -1.40 1.88 3.12
C TYR A 143 -1.71 1.68 4.60
N GLN A 144 -2.52 0.68 4.90
CA GLN A 144 -2.97 0.44 6.26
C GLN A 144 -3.16 -1.05 6.48
N GLY A 145 -4.01 -1.41 7.44
CA GLY A 145 -4.35 -2.80 7.66
C GLY A 145 -5.54 -2.98 8.56
N LEU A 146 -5.69 -4.18 9.11
CA LEU A 146 -6.78 -4.47 10.03
C LEU A 146 -6.25 -4.56 11.46
N THR A 147 -7.02 -4.08 12.41
CA THR A 147 -6.67 -4.21 13.81
C THR A 147 -7.95 -4.39 14.63
N ILE A 148 -7.81 -4.38 15.94
CA ILE A 148 -8.95 -4.62 16.82
C ILE A 148 -9.10 -3.47 17.82
N LEU A 149 -10.33 -2.96 17.92
CA LEU A 149 -10.63 -1.91 18.89
C LEU A 149 -11.35 -2.51 20.09
N VAL A 150 -10.85 -2.22 21.28
CA VAL A 150 -11.50 -2.65 22.52
C VAL A 150 -11.59 -1.48 23.48
N LYS A 151 -12.36 -1.64 24.55
CA LYS A 151 -12.42 -0.62 25.59
C LYS A 151 -11.18 -0.74 26.48
N LYS A 152 -10.70 0.39 26.99
CA LYS A 152 -9.51 0.38 27.84
C LYS A 152 -9.74 -0.48 29.08
N GLY A 153 -8.81 -1.38 29.36
CA GLY A 153 -8.96 -2.32 30.46
C GLY A 153 -9.22 -3.72 29.95
N THR A 154 -9.75 -3.83 28.74
CA THR A 154 -9.95 -5.12 28.08
C THR A 154 -8.61 -5.64 27.60
N ARG A 155 -8.30 -6.89 27.95
CA ARG A 155 -7.01 -7.46 27.59
C ARG A 155 -7.14 -8.69 26.71
N ILE A 156 -6.80 -8.54 25.44
CA ILE A 156 -6.67 -9.68 24.53
C ILE A 156 -5.37 -9.55 23.76
N THR A 157 -4.79 -10.69 23.40
CA THR A 157 -3.51 -10.72 22.71
C THR A 157 -3.61 -10.19 21.29
N GLY A 158 -4.76 -10.44 20.66
CA GLY A 158 -4.98 -10.04 19.28
C GLY A 158 -5.91 -11.01 18.56
N ILE A 159 -5.66 -11.20 17.27
CA ILE A 159 -6.55 -11.97 16.41
C ILE A 159 -6.55 -13.46 16.73
N ASN A 160 -5.49 -13.94 17.39
CA ASN A 160 -5.37 -15.36 17.70
C ASN A 160 -5.79 -15.69 19.12
N ASP A 161 -6.27 -14.69 19.85
CA ASP A 161 -6.77 -14.88 21.20
C ASP A 161 -7.88 -15.93 21.20
N PRO A 162 -7.85 -16.85 22.17
CA PRO A 162 -8.83 -17.94 22.23
C PRO A 162 -10.28 -17.43 22.34
N ARG A 163 -10.49 -16.25 22.89
CA ARG A 163 -11.85 -15.70 22.99
C ARG A 163 -12.38 -15.27 21.62
N LEU A 164 -11.48 -15.15 20.64
CA LEU A 164 -11.89 -14.91 19.27
C LEU A 164 -11.93 -16.22 18.47
N ARG A 165 -10.86 -17.01 18.57
CA ARG A 165 -10.76 -18.27 17.82
C ARG A 165 -11.74 -19.33 18.32
N ASN A 166 -12.05 -19.28 19.62
CA ASN A 166 -12.95 -20.23 20.25
C ASN A 166 -14.06 -19.48 20.98
N PRO A 167 -14.98 -18.87 20.22
CA PRO A 167 -15.91 -17.85 20.74
C PRO A 167 -17.09 -18.38 21.54
N SER A 168 -17.64 -17.52 22.39
CA SER A 168 -18.88 -17.79 23.10
C SER A 168 -19.63 -16.48 23.25
N ASP A 169 -20.83 -16.55 23.82
CA ASP A 169 -21.65 -15.35 24.03
C ASP A 169 -21.10 -14.47 25.15
N LYS A 170 -20.12 -15.00 25.89
CA LYS A 170 -19.47 -14.27 26.97
C LYS A 170 -18.66 -13.08 26.45
N PHE A 171 -17.99 -13.28 25.32
CA PHE A 171 -17.17 -12.23 24.72
C PHE A 171 -17.60 -11.97 23.28
N ILE A 172 -18.27 -10.86 23.05
CA ILE A 172 -18.84 -10.53 21.75
C ILE A 172 -17.90 -9.65 20.91
N TYR A 173 -17.60 -10.08 19.70
CA TYR A 173 -16.85 -9.27 18.77
C TYR A 173 -17.59 -9.19 17.43
N ALA A 174 -17.25 -8.20 16.62
CA ALA A 174 -17.98 -7.97 15.36
C ALA A 174 -17.23 -7.03 14.42
N THR A 175 -17.69 -6.97 13.18
CA THR A 175 -17.21 -5.98 12.22
C THR A 175 -18.40 -5.26 11.60
N VAL A 176 -18.17 -4.58 10.47
CA VAL A 176 -19.25 -3.89 9.77
C VAL A 176 -19.87 -4.78 8.68
N LYS A 177 -21.20 -4.84 8.64
CA LYS A 177 -21.94 -5.55 7.61
C LYS A 177 -21.55 -5.10 6.20
N GLN A 178 -21.46 -6.05 5.29
CA GLN A 178 -21.26 -5.78 3.87
C GLN A 178 -20.04 -4.89 3.60
N SER A 179 -18.95 -5.23 4.28
CA SER A 179 -17.67 -4.53 4.14
C SER A 179 -16.60 -5.49 3.64
N SER A 180 -15.41 -4.96 3.40
CA SER A 180 -14.28 -5.77 2.98
C SER A 180 -13.81 -6.71 4.09
N VAL A 181 -13.95 -6.27 5.33
CA VAL A 181 -13.63 -7.11 6.48
C VAL A 181 -14.60 -8.29 6.56
N ASP A 182 -15.86 -8.03 6.19
CA ASP A 182 -16.87 -9.06 6.14
C ASP A 182 -16.49 -10.11 5.08
N ILE A 183 -16.12 -9.66 3.89
CA ILE A 183 -15.63 -10.54 2.83
C ILE A 183 -14.43 -11.35 3.30
N TYR A 184 -13.55 -10.68 4.03
CA TYR A 184 -12.28 -11.26 4.47
C TYR A 184 -12.48 -12.50 5.35
N PHE A 185 -13.39 -12.40 6.31
CA PHE A 185 -13.62 -13.51 7.23
C PHE A 185 -14.53 -14.59 6.63
N ARG A 186 -15.34 -14.22 5.64
CA ARG A 186 -16.23 -15.16 4.98
C ARG A 186 -15.47 -16.06 4.00
N ARG A 187 -14.44 -15.53 3.37
CA ARG A 187 -13.71 -16.27 2.34
C ARG A 187 -12.82 -17.36 2.94
N GLN A 188 -11.94 -16.97 3.86
CA GLN A 188 -10.98 -17.90 4.45
C GLN A 188 -11.65 -18.91 5.38
N VAL A 189 -11.42 -20.19 5.10
CA VAL A 189 -12.10 -21.28 5.80
C VAL A 189 -11.60 -21.52 7.22
N GLU A 190 -10.37 -21.10 7.51
CA GLU A 190 -9.82 -21.23 8.86
C GLU A 190 -10.36 -20.13 9.78
N LEU A 191 -11.02 -19.14 9.18
CA LEU A 191 -11.64 -18.05 9.94
C LEU A 191 -13.14 -18.28 10.08
N SER A 192 -13.59 -19.47 9.69
CA SER A 192 -15.02 -19.78 9.62
C SER A 192 -15.71 -19.71 10.98
N THR A 193 -15.02 -20.13 12.03
CA THR A 193 -15.61 -20.09 13.35
C THR A 193 -15.85 -18.64 13.78
N MET A 194 -14.90 -17.76 13.47
CA MET A 194 -15.05 -16.35 13.80
C MET A 194 -16.15 -15.70 12.97
N TYR A 195 -16.25 -16.09 11.70
CA TYR A 195 -17.22 -15.49 10.80
C TYR A 195 -18.66 -15.76 11.26
N ARG A 196 -18.90 -16.96 11.77
CA ARG A 196 -20.24 -17.32 12.22
C ARG A 196 -20.60 -16.63 13.53
N HIS A 197 -19.60 -16.32 14.35
CA HIS A 197 -19.84 -15.52 15.54
C HIS A 197 -20.19 -14.06 15.17
N MET A 198 -19.38 -13.47 14.29
CA MET A 198 -19.57 -12.07 13.90
C MET A 198 -20.87 -11.87 13.12
N GLU A 199 -21.28 -12.91 12.41
CA GLU A 199 -22.48 -12.84 11.55
C GLU A 199 -23.75 -12.58 12.36
N LYS A 200 -23.70 -12.90 13.66
CA LYS A 200 -24.82 -12.65 14.55
C LYS A 200 -24.78 -11.24 15.13
N HIS A 201 -23.63 -10.58 15.04
CA HIS A 201 -23.43 -9.32 15.76
C HIS A 201 -22.94 -8.15 14.91
N ASN A 202 -22.74 -8.36 13.61
CA ASN A 202 -22.21 -7.32 12.74
C ASN A 202 -23.07 -6.05 12.74
N TYR A 203 -22.41 -4.89 12.81
CA TYR A 203 -23.12 -3.60 12.87
C TYR A 203 -23.31 -2.97 11.50
N GLU A 204 -24.25 -2.05 11.40
CA GLU A 204 -24.59 -1.44 10.12
C GLU A 204 -23.51 -0.46 9.67
N SER A 205 -22.83 0.15 10.63
CA SER A 205 -21.82 1.15 10.33
C SER A 205 -20.71 1.15 11.37
N ALA A 206 -19.56 1.71 11.01
CA ALA A 206 -18.41 1.77 11.89
C ALA A 206 -18.69 2.62 13.13
N ALA A 207 -19.33 3.77 12.94
CA ALA A 207 -19.69 4.65 14.06
C ALA A 207 -20.51 3.92 15.13
N GLU A 208 -21.49 3.14 14.69
CA GLU A 208 -22.36 2.41 15.62
CA GLU A 208 -22.36 2.40 15.60
C GLU A 208 -21.57 1.37 16.41
N ALA A 209 -20.73 0.61 15.71
CA ALA A 209 -19.89 -0.40 16.36
C ALA A 209 -18.95 0.22 17.37
N ILE A 210 -18.38 1.37 17.02
CA ILE A 210 -17.47 2.10 17.90
C ILE A 210 -18.21 2.59 19.15
N GLN A 211 -19.39 3.16 18.96
CA GLN A 211 -20.22 3.59 20.09
C GLN A 211 -20.60 2.40 20.95
N ALA A 212 -20.85 1.26 20.32
CA ALA A 212 -21.24 0.05 21.04
C ALA A 212 -20.11 -0.46 21.94
N VAL A 213 -18.87 -0.28 21.52
CA VAL A 213 -17.72 -0.67 22.33
C VAL A 213 -17.61 0.23 23.56
N ARG A 214 -17.85 1.53 23.38
CA ARG A 214 -17.86 2.47 24.50
C ARG A 214 -18.95 2.13 25.50
N ASP A 215 -20.08 1.65 24.99
CA ASP A 215 -21.24 1.31 25.81
C ASP A 215 -21.21 -0.11 26.36
N ASN A 216 -20.06 -0.76 26.28
CA ASN A 216 -19.87 -2.12 26.78
C ASN A 216 -20.86 -3.14 26.20
N LYS A 217 -21.41 -2.83 25.03
CA LYS A 217 -22.32 -3.72 24.33
C LYS A 217 -21.56 -4.60 23.34
N LEU A 218 -20.35 -4.16 23.01
CA LEU A 218 -19.46 -4.90 22.12
C LEU A 218 -18.06 -4.89 22.73
N HIS A 219 -17.45 -6.06 22.87
CA HIS A 219 -16.16 -6.16 23.55
C HIS A 219 -14.99 -5.96 22.60
N ALA A 220 -15.18 -6.30 21.32
CA ALA A 220 -14.13 -6.14 20.33
C ALA A 220 -14.69 -5.77 18.95
N PHE A 221 -14.13 -4.72 18.36
CA PHE A 221 -14.52 -4.27 17.01
C PHE A 221 -13.33 -4.39 16.06
N ILE A 222 -13.49 -5.23 15.04
CA ILE A 222 -12.44 -5.47 14.05
C ILE A 222 -12.68 -4.63 12.80
N TRP A 223 -11.70 -3.79 12.44
CA TRP A 223 -11.92 -2.80 11.40
C TRP A 223 -10.60 -2.21 10.90
N ASP A 224 -10.68 -1.26 9.97
CA ASP A 224 -9.50 -0.60 9.40
C ASP A 224 -8.70 0.16 10.45
N SER A 225 -7.39 -0.04 10.46
CA SER A 225 -6.55 0.57 11.47
C SER A 225 -6.40 2.07 11.29
N ALA A 226 -6.46 2.52 10.05
CA ALA A 226 -6.40 3.96 9.78
C ALA A 226 -7.54 4.66 10.52
N VAL A 227 -8.69 4.00 10.59
CA VAL A 227 -9.86 4.54 11.28
C VAL A 227 -9.82 4.29 12.79
N LEU A 228 -9.51 3.06 13.19
CA LEU A 228 -9.54 2.68 14.60
C LEU A 228 -8.49 3.42 15.43
N GLU A 229 -7.31 3.61 14.85
CA GLU A 229 -6.23 4.32 15.53
C GLU A 229 -6.56 5.81 15.69
N PHE A 230 -7.32 6.36 14.74
CA PHE A 230 -7.75 7.74 14.87
C PHE A 230 -8.70 7.89 16.04
N GLU A 231 -9.62 6.94 16.17
CA GLU A 231 -10.63 6.98 17.23
C GLU A 231 -9.99 6.80 18.60
N ALA A 232 -9.03 5.89 18.69
CA ALA A 232 -8.34 5.61 19.94
C ALA A 232 -7.51 6.81 20.37
N SER A 233 -7.01 7.55 19.40
CA SER A 233 -6.28 8.76 19.73
C SER A 233 -7.28 9.83 20.17
N GLN A 234 -8.52 9.76 19.68
CA GLN A 234 -9.49 10.80 19.95
C GLN A 234 -10.35 10.52 21.19
N LYS A 235 -10.58 9.23 21.45
CA LYS A 235 -11.40 8.81 22.58
C LYS A 235 -10.59 7.87 23.47
N CYS A 236 -10.17 8.38 24.61
CA CYS A 236 -9.21 7.69 25.46
C CYS A 236 -9.80 6.52 26.24
N ASP A 237 -11.11 6.33 26.16
CA ASP A 237 -11.72 5.15 26.76
C ASP A 237 -11.61 3.94 25.82
N LEU A 238 -11.06 4.16 24.64
CA LEU A 238 -10.84 3.10 23.66
C LEU A 238 -9.36 2.92 23.35
N VAL A 239 -8.96 1.69 23.06
CA VAL A 239 -7.60 1.39 22.62
C VAL A 239 -7.60 0.33 21.52
N THR A 240 -6.51 0.26 20.78
CA THR A 240 -6.31 -0.83 19.83
C THR A 240 -5.33 -1.84 20.41
N THR A 241 -5.54 -3.13 20.12
CA THR A 241 -4.65 -4.17 20.63
C THR A 241 -4.30 -5.17 19.55
N GLY A 242 -3.07 -5.68 19.61
CA GLY A 242 -2.59 -6.68 18.68
C GLY A 242 -1.97 -6.08 17.43
N GLU A 243 -2.35 -4.84 17.12
CA GLU A 243 -1.93 -4.11 15.93
C GLU A 243 -2.11 -4.90 14.63
N LEU A 244 -1.64 -4.35 13.51
CA LEU A 244 -1.93 -4.87 12.18
C LEU A 244 -1.74 -6.38 12.04
N PHE A 245 -2.80 -7.09 11.69
CA PHE A 245 -2.71 -8.53 11.47
C PHE A 245 -2.96 -8.90 10.02
N PHE A 246 -3.26 -7.90 9.21
CA PHE A 246 -3.46 -8.09 7.78
C PHE A 246 -3.44 -6.76 7.03
N ARG A 247 -2.41 -6.56 6.19
CA ARG A 247 -2.27 -5.31 5.45
C ARG A 247 -3.31 -5.18 4.35
N SER A 248 -3.78 -3.95 4.14
CA SER A 248 -4.67 -3.63 3.02
C SER A 248 -4.52 -2.16 2.69
N GLY A 249 -5.00 -1.77 1.52
CA GLY A 249 -4.90 -0.39 1.09
C GLY A 249 -6.22 0.16 0.58
N PHE A 250 -6.32 1.49 0.59
CA PHE A 250 -7.48 2.16 0.02
C PHE A 250 -7.16 2.67 -1.38
N GLY A 251 -8.08 2.47 -2.31
CA GLY A 251 -7.91 3.00 -3.65
C GLY A 251 -9.12 3.76 -4.15
N ILE A 252 -8.95 4.53 -5.21
CA ILE A 252 -10.06 5.18 -5.90
C ILE A 252 -10.74 4.16 -6.81
N GLY A 253 -12.07 4.10 -6.74
CA GLY A 253 -12.83 3.15 -7.54
C GLY A 253 -13.41 3.75 -8.82
N MET A 254 -13.25 3.02 -9.91
CA MET A 254 -13.75 3.41 -11.22
C MET A 254 -14.21 2.19 -12.00
N ARG A 255 -15.13 2.38 -12.95
CA ARG A 255 -15.46 1.32 -13.88
C ARG A 255 -14.25 1.03 -14.77
N LYS A 256 -14.17 -0.20 -15.29
CA LYS A 256 -13.05 -0.58 -16.15
C LYS A 256 -13.07 0.19 -17.47
N ASP A 257 -14.17 0.89 -17.71
CA ASP A 257 -14.36 1.70 -18.90
C ASP A 257 -13.75 3.09 -18.78
N SER A 258 -13.56 3.55 -17.55
CA SER A 258 -13.15 4.93 -17.26
C SER A 258 -11.91 5.40 -18.02
N PRO A 259 -11.98 6.61 -18.60
CA PRO A 259 -10.83 7.21 -19.29
C PRO A 259 -9.91 7.95 -18.32
N TRP A 260 -10.34 8.07 -17.07
CA TRP A 260 -9.57 8.80 -16.06
C TRP A 260 -8.59 7.89 -15.32
N LYS A 261 -8.77 6.58 -15.43
CA LYS A 261 -8.14 5.65 -14.51
C LYS A 261 -6.61 5.70 -14.48
N GLN A 262 -5.98 5.90 -15.64
CA GLN A 262 -4.52 5.96 -15.66
C GLN A 262 -4.00 7.25 -15.04
N ASN A 263 -4.61 8.37 -15.39
CA ASN A 263 -4.18 9.66 -14.86
C ASN A 263 -4.54 9.87 -13.39
N VAL A 264 -5.56 9.17 -12.92
CA VAL A 264 -5.90 9.22 -11.49
C VAL A 264 -4.80 8.51 -10.69
N SER A 265 -4.38 7.35 -11.17
CA SER A 265 -3.35 6.57 -10.51
C SER A 265 -2.00 7.29 -10.53
N LEU A 266 -1.66 7.88 -11.67
CA LEU A 266 -0.43 8.67 -11.77
C LEU A 266 -0.44 9.83 -10.77
N SER A 267 -1.60 10.46 -10.61
CA SER A 267 -1.75 11.57 -9.67
C SER A 267 -1.58 11.12 -8.22
N ILE A 268 -2.14 9.94 -7.90
CA ILE A 268 -1.94 9.33 -6.58
C ILE A 268 -0.45 9.13 -6.31
N LEU A 269 0.23 8.48 -7.25
CA LEU A 269 1.66 8.19 -7.11
C LEU A 269 2.45 9.46 -6.89
N LYS A 270 2.09 10.53 -7.61
CA LYS A 270 2.80 11.80 -7.50
C LYS A 270 2.61 12.39 -6.11
N SER A 271 1.38 12.33 -5.60
CA SER A 271 1.06 12.88 -4.30
C SER A 271 1.75 12.13 -3.16
N HIS A 272 2.02 10.84 -3.35
CA HIS A 272 2.80 10.09 -2.36
C HIS A 272 4.24 10.58 -2.36
N GLU A 273 4.76 10.81 -3.55
CA GLU A 273 6.18 11.14 -3.73
C GLU A 273 6.52 12.58 -3.37
N ASN A 274 5.61 13.53 -3.59
CA ASN A 274 5.92 14.93 -3.33
C ASN A 274 5.44 15.41 -1.95
N GLY A 275 4.95 14.47 -1.14
CA GLY A 275 4.59 14.78 0.23
C GLY A 275 3.16 15.27 0.47
N PHE A 276 2.34 15.32 -0.58
CA PHE A 276 0.96 15.78 -0.43
C PHE A 276 0.12 14.81 0.41
N MET A 277 0.24 13.50 0.16
CA MET A 277 -0.50 12.53 0.97
C MET A 277 -0.13 12.63 2.45
N GLU A 278 1.14 12.95 2.73
CA GLU A 278 1.61 13.02 4.11
C GLU A 278 1.10 14.29 4.79
N ASP A 279 0.90 15.34 4.00
CA ASP A 279 0.26 16.56 4.49
C ASP A 279 -1.18 16.28 4.89
N LEU A 280 -1.87 15.46 4.10
CA LEU A 280 -3.22 15.05 4.42
C LEU A 280 -3.25 14.20 5.70
N ASP A 281 -2.31 13.26 5.81
CA ASP A 281 -2.18 12.43 7.01
C ASP A 281 -1.96 13.31 8.24
N LYS A 282 -1.09 14.32 8.10
CA LYS A 282 -0.80 15.23 9.21
C LYS A 282 -2.03 16.07 9.57
N THR A 283 -2.81 16.43 8.56
CA THR A 283 -3.97 17.27 8.77
C THR A 283 -5.16 16.51 9.36
N TRP A 284 -5.40 15.30 8.87
CA TRP A 284 -6.66 14.60 9.13
C TRP A 284 -6.55 13.31 9.95
N VAL A 285 -5.50 12.55 9.71
CA VAL A 285 -5.45 11.17 10.21
C VAL A 285 -5.21 11.09 11.70
N ARG A 286 -4.17 11.76 12.20
CA ARG A 286 -4.05 11.90 13.65
C ARG A 286 -3.01 12.96 14.04
N TYR A 287 -3.26 13.62 15.17
CA TYR A 287 -2.43 14.74 15.59
C TYR A 287 -2.59 15.10 17.07
N GLN A 288 -3.20 14.22 17.86
CA GLN A 288 -3.64 14.68 19.17
C GLN A 288 -2.98 13.91 20.31
N GLU A 289 -3.59 12.84 20.81
CA GLU A 289 -3.07 12.12 21.98
C GLU A 289 -3.07 10.56 21.67
N CYS A 290 -3.22 9.60 22.60
CA CYS A 290 -3.44 9.65 24.05
C CYS A 290 -2.27 9.17 24.90
N ASP A 291 -2.50 9.08 26.21
CA ASP A 291 -1.52 8.56 27.15
C ASP A 291 -1.35 7.06 26.95
N ASP B 2 4.73 -21.10 -26.56
CA ASP B 2 5.34 -20.02 -27.33
C ASP B 2 4.74 -18.67 -26.95
N ASP B 3 3.42 -18.55 -27.04
CA ASP B 3 2.72 -17.34 -26.62
C ASP B 3 2.66 -17.24 -25.10
N ASN B 4 2.73 -18.40 -24.44
CA ASN B 4 2.75 -18.44 -22.99
C ASN B 4 4.14 -18.79 -22.46
N HIS B 5 5.16 -18.56 -23.29
CA HIS B 5 6.55 -18.63 -22.85
C HIS B 5 7.17 -17.23 -22.87
N LEU B 6 7.39 -16.68 -21.68
CA LEU B 6 7.71 -15.26 -21.55
C LEU B 6 9.17 -15.00 -21.20
N SER B 7 9.74 -13.98 -21.84
CA SER B 7 11.04 -13.47 -21.42
C SER B 7 10.87 -12.60 -20.18
N ILE B 8 11.51 -13.00 -19.09
CA ILE B 8 11.35 -12.29 -17.82
C ILE B 8 12.69 -11.89 -17.23
N VAL B 9 12.79 -10.64 -16.77
CA VAL B 9 14.04 -10.13 -16.22
C VAL B 9 13.92 -9.90 -14.71
N THR B 10 15.03 -10.05 -14.01
CA THR B 10 15.08 -9.83 -12.58
C THR B 10 16.46 -9.31 -12.18
N LEU B 11 16.67 -9.13 -10.88
CA LEU B 11 17.91 -8.54 -10.36
C LEU B 11 18.14 -9.00 -8.93
N GLU B 12 19.38 -9.29 -8.57
CA GLU B 12 19.64 -9.82 -7.23
C GLU B 12 19.51 -8.74 -6.15
N GLU B 13 18.66 -9.03 -5.17
CA GLU B 13 18.54 -8.23 -3.96
C GLU B 13 17.84 -9.05 -2.89
N ALA B 14 18.63 -9.66 -2.01
CA ALA B 14 18.10 -10.52 -0.96
C ALA B 14 17.19 -9.74 -0.02
N PRO B 15 16.12 -10.40 0.48
CA PRO B 15 15.76 -11.80 0.29
C PRO B 15 14.77 -11.99 -0.86
N PHE B 16 14.61 -10.94 -1.67
CA PHE B 16 13.61 -10.96 -2.72
C PHE B 16 14.12 -11.74 -3.93
N VAL B 17 15.35 -11.47 -4.34
CA VAL B 17 15.99 -12.30 -5.35
C VAL B 17 17.39 -12.67 -4.88
N ILE B 18 17.64 -13.97 -4.78
CA ILE B 18 18.93 -14.48 -4.36
C ILE B 18 19.50 -15.37 -5.46
N VAL B 19 20.73 -15.07 -5.88
CA VAL B 19 21.38 -15.81 -6.94
C VAL B 19 22.43 -16.79 -6.39
N GLU B 20 22.40 -18.02 -6.89
CA GLU B 20 23.36 -19.04 -6.50
C GLU B 20 24.06 -19.62 -7.71
N ASP B 21 25.33 -19.94 -7.55
CA ASP B 21 26.07 -20.61 -8.61
C ASP B 21 25.48 -22.00 -8.82
N ILE B 22 25.16 -22.32 -10.06
CA ILE B 22 24.75 -23.67 -10.38
C ILE B 22 26.00 -24.50 -10.14
N ASP B 23 25.88 -25.61 -9.43
CA ASP B 23 27.09 -26.38 -9.20
C ASP B 23 27.34 -27.31 -10.39
N PRO B 24 28.63 -27.54 -10.70
CA PRO B 24 28.96 -28.40 -11.85
C PRO B 24 28.63 -29.85 -11.55
N LEU B 25 29.10 -30.77 -12.39
CA LEU B 25 28.87 -32.21 -12.22
C LEU B 25 27.38 -32.57 -12.33
N THR B 26 26.53 -31.61 -11.98
CA THR B 26 25.16 -31.87 -11.60
C THR B 26 24.18 -31.22 -12.57
N GLU B 27 24.58 -30.08 -13.13
CA GLU B 27 23.86 -29.44 -14.24
C GLU B 27 22.48 -28.87 -13.87
N THR B 28 21.92 -29.30 -12.74
CA THR B 28 20.56 -28.88 -12.38
C THR B 28 20.53 -27.74 -11.37
N CYS B 29 19.32 -27.26 -11.13
CA CYS B 29 19.04 -26.31 -10.06
CA CYS B 29 19.04 -26.31 -10.05
C CYS B 29 18.26 -27.02 -8.95
N VAL B 30 18.74 -26.92 -7.72
CA VAL B 30 18.12 -27.60 -6.58
C VAL B 30 16.64 -27.26 -6.38
N ARG B 31 16.00 -28.07 -5.52
CA ARG B 31 14.54 -28.15 -5.40
C ARG B 31 13.78 -26.82 -5.36
N ASN B 32 14.19 -25.89 -4.49
CA ASN B 32 13.40 -24.67 -4.33
C ASN B 32 13.86 -23.49 -5.18
N THR B 33 14.81 -23.72 -6.10
CA THR B 33 15.32 -22.66 -6.96
C THR B 33 14.87 -22.85 -8.41
N VAL B 34 15.01 -21.79 -9.21
CA VAL B 34 14.66 -21.84 -10.62
C VAL B 34 15.84 -21.40 -11.48
N PRO B 35 15.90 -21.87 -12.73
CA PRO B 35 16.97 -21.44 -13.63
C PRO B 35 16.90 -19.95 -13.97
N CYS B 36 18.04 -19.27 -13.85
CA CYS B 36 18.18 -17.93 -14.39
C CYS B 36 19.53 -17.82 -15.08
N ARG B 37 19.59 -17.06 -16.18
CA ARG B 37 20.85 -16.90 -16.90
C ARG B 37 21.35 -15.49 -16.75
N LYS B 38 22.66 -15.34 -16.86
CA LYS B 38 23.32 -14.05 -16.69
C LYS B 38 24.38 -13.86 -17.78
N PHE B 39 24.21 -12.83 -18.59
CA PHE B 39 25.15 -12.54 -19.67
C PHE B 39 26.44 -11.99 -19.09
N VAL B 40 27.53 -12.74 -19.29
CA VAL B 40 28.82 -12.33 -18.76
C VAL B 40 29.80 -12.12 -19.92
N LYS B 41 30.47 -10.97 -19.93
CA LYS B 41 31.40 -10.61 -21.00
C LYS B 41 32.70 -11.41 -20.96
N ILE B 42 33.25 -11.67 -22.14
CA ILE B 42 34.53 -12.35 -22.27
C ILE B 42 35.67 -11.42 -21.89
N ASN B 43 35.65 -10.22 -22.43
CA ASN B 43 36.61 -9.18 -22.06
C ASN B 43 36.06 -7.79 -22.34
N ASN B 44 36.86 -6.76 -22.07
CA ASN B 44 36.37 -5.38 -22.20
C ASN B 44 36.73 -4.76 -23.53
N SER B 45 37.40 -5.54 -24.37
CA SER B 45 37.75 -5.09 -25.72
CA SER B 45 37.76 -5.09 -25.71
C SER B 45 36.91 -5.81 -26.76
N THR B 46 35.77 -6.35 -26.31
CA THR B 46 34.87 -7.09 -27.18
C THR B 46 33.42 -6.91 -26.78
N ASN B 47 32.52 -7.30 -27.67
CA ASN B 47 31.10 -7.37 -27.34
C ASN B 47 30.70 -8.81 -27.04
N GLU B 48 31.63 -9.70 -27.33
CA GLU B 48 31.48 -11.14 -27.06
C GLU B 48 31.08 -11.42 -25.63
N GLY B 49 30.18 -12.37 -25.45
CA GLY B 49 29.81 -12.81 -24.12
C GLY B 49 29.20 -14.19 -24.16
N MET B 50 28.89 -14.73 -22.98
CA MET B 50 28.20 -16.01 -22.88
C MET B 50 27.19 -15.96 -21.74
N ASN B 51 26.06 -16.61 -21.95
CA ASN B 51 25.04 -16.69 -20.91
C ASN B 51 25.37 -17.77 -19.90
N VAL B 52 25.73 -17.35 -18.69
CA VAL B 52 26.02 -18.29 -17.62
C VAL B 52 24.73 -18.73 -16.94
N LYS B 53 24.51 -20.04 -16.89
CA LYS B 53 23.35 -20.59 -16.19
C LYS B 53 23.53 -20.49 -14.68
N LYS B 54 22.62 -19.82 -14.01
CA LYS B 54 22.67 -19.72 -12.56
C LYS B 54 21.35 -20.19 -11.95
N CYS B 55 21.20 -20.02 -10.64
CA CYS B 55 19.98 -20.44 -9.97
C CYS B 55 19.44 -19.33 -9.08
N CYS B 56 18.13 -19.11 -9.17
CA CYS B 56 17.49 -18.00 -8.47
C CYS B 56 16.45 -18.49 -7.49
N LYS B 57 16.37 -17.82 -6.35
CA LYS B 57 15.35 -18.09 -5.36
C LYS B 57 15.01 -16.80 -4.62
N GLY B 58 14.01 -16.87 -3.75
CA GLY B 58 13.66 -15.72 -2.95
C GLY B 58 12.16 -15.45 -2.94
N PHE B 59 11.77 -14.43 -2.20
CA PHE B 59 10.39 -14.00 -2.11
C PHE B 59 9.77 -13.76 -3.50
N CYS B 60 10.42 -12.94 -4.31
CA CYS B 60 9.85 -12.57 -5.60
C CYS B 60 9.89 -13.74 -6.59
N ILE B 61 10.85 -14.63 -6.42
CA ILE B 61 10.91 -15.83 -7.25
C ILE B 61 9.77 -16.77 -6.88
N ASP B 62 9.51 -16.91 -5.59
CA ASP B 62 8.33 -17.66 -5.12
C ASP B 62 7.03 -17.05 -5.64
N ILE B 63 6.96 -15.72 -5.67
CA ILE B 63 5.83 -15.02 -6.27
C ILE B 63 5.69 -15.38 -7.76
N LEU B 64 6.82 -15.41 -8.45
CA LEU B 64 6.85 -15.70 -9.89
C LEU B 64 6.37 -17.12 -10.18
N LYS B 65 6.71 -18.07 -9.31
CA LYS B 65 6.27 -19.45 -9.48
C LYS B 65 4.75 -19.55 -9.34
N LYS B 66 4.20 -18.94 -8.29
CA LYS B 66 2.76 -18.93 -8.08
C LYS B 66 2.02 -18.31 -9.27
N LEU B 67 2.53 -17.18 -9.76
CA LEU B 67 1.94 -16.55 -10.94
C LEU B 67 2.03 -17.46 -12.16
N SER B 68 3.16 -18.15 -12.31
CA SER B 68 3.38 -19.07 -13.41
C SER B 68 2.35 -20.20 -13.43
N ARG B 69 2.08 -20.77 -12.26
CA ARG B 69 1.03 -21.77 -12.12
C ARG B 69 -0.36 -21.19 -12.39
N THR B 70 -0.71 -20.14 -11.65
CA THR B 70 -2.07 -19.62 -11.66
C THR B 70 -2.47 -18.97 -12.98
N VAL B 71 -1.58 -18.15 -13.53
CA VAL B 71 -1.87 -17.43 -14.77
C VAL B 71 -1.55 -18.32 -15.98
N LYS B 72 -0.89 -19.45 -15.71
CA LYS B 72 -0.54 -20.44 -16.73
C LYS B 72 0.39 -19.89 -17.80
N PHE B 73 1.66 -19.72 -17.46
CA PHE B 73 2.69 -19.40 -18.44
C PHE B 73 4.01 -20.01 -18.02
N THR B 74 4.87 -20.27 -18.99
CA THR B 74 6.24 -20.68 -18.72
C THR B 74 7.13 -19.49 -18.98
N TYR B 75 8.40 -19.56 -18.56
CA TYR B 75 9.26 -18.40 -18.66
C TYR B 75 10.74 -18.75 -18.83
N ASP B 76 11.48 -17.80 -19.38
CA ASP B 76 12.92 -17.84 -19.45
C ASP B 76 13.44 -16.66 -18.62
N LEU B 77 13.90 -16.94 -17.41
CA LEU B 77 14.32 -15.88 -16.50
C LEU B 77 15.79 -15.52 -16.72
N TYR B 78 16.08 -14.22 -16.80
CA TYR B 78 17.46 -13.78 -16.92
C TYR B 78 17.73 -12.57 -16.02
N LEU B 79 19.00 -12.31 -15.76
CA LEU B 79 19.43 -11.24 -14.87
C LEU B 79 19.89 -10.03 -15.67
N VAL B 80 19.47 -8.84 -15.25
CA VAL B 80 19.79 -7.62 -16.00
C VAL B 80 21.28 -7.31 -15.86
N THR B 81 21.89 -6.79 -16.92
CA THR B 81 23.30 -6.46 -16.89
C THR B 81 23.53 -4.99 -17.21
N ASN B 82 22.54 -4.37 -17.84
CA ASN B 82 22.61 -2.96 -18.20
C ASN B 82 21.98 -2.07 -17.13
N GLY B 83 22.74 -1.77 -16.08
CA GLY B 83 22.20 -1.02 -14.95
C GLY B 83 21.49 -1.94 -13.98
N LYS B 84 20.69 -1.37 -13.09
CA LYS B 84 20.06 -2.18 -12.05
C LYS B 84 18.53 -2.15 -12.11
N HIS B 85 17.90 -1.44 -11.18
CA HIS B 85 16.44 -1.41 -11.12
C HIS B 85 15.85 -0.57 -12.25
N GLY B 86 16.45 0.60 -12.50
CA GLY B 86 16.00 1.44 -13.58
C GLY B 86 16.26 2.90 -13.33
N LYS B 87 16.96 3.52 -14.27
CA LYS B 87 17.21 4.96 -14.23
C LYS B 87 17.06 5.53 -15.63
N LYS B 88 16.48 6.73 -15.71
CA LYS B 88 16.41 7.44 -16.97
C LYS B 88 17.69 8.26 -17.14
N VAL B 89 18.50 7.87 -18.12
CA VAL B 89 19.75 8.56 -18.42
C VAL B 89 19.66 9.18 -19.81
N ASN B 90 19.71 10.50 -19.89
CA ASN B 90 19.58 11.22 -21.16
C ASN B 90 18.31 10.81 -21.90
N ASN B 91 17.22 10.70 -21.13
CA ASN B 91 15.91 10.28 -21.64
C ASN B 91 15.86 8.82 -22.12
N VAL B 92 16.79 7.99 -21.66
CA VAL B 92 16.77 6.56 -21.99
C VAL B 92 16.82 5.69 -20.74
N TRP B 93 15.84 4.80 -20.61
CA TRP B 93 15.75 3.90 -19.46
C TRP B 93 16.73 2.74 -19.53
N ASN B 94 17.46 2.50 -18.45
CA ASN B 94 18.25 1.28 -18.32
C ASN B 94 17.64 0.36 -17.27
N GLY B 95 18.40 -0.66 -16.86
CA GLY B 95 17.96 -1.56 -15.83
C GLY B 95 16.75 -2.39 -16.21
N MET B 96 16.08 -2.94 -15.20
CA MET B 96 14.90 -3.76 -15.42
C MET B 96 13.79 -2.99 -16.16
N ILE B 97 13.64 -1.71 -15.88
CA ILE B 97 12.64 -0.89 -16.57
C ILE B 97 12.97 -0.80 -18.06
N GLY B 98 14.24 -0.61 -18.36
CA GLY B 98 14.71 -0.54 -19.72
C GLY B 98 14.46 -1.80 -20.54
N GLU B 99 14.71 -2.96 -19.91
CA GLU B 99 14.52 -4.23 -20.59
C GLU B 99 13.07 -4.40 -21.04
N VAL B 100 12.16 -3.89 -20.23
CA VAL B 100 10.73 -3.95 -20.54
C VAL B 100 10.35 -2.88 -21.56
N VAL B 101 10.81 -1.65 -21.33
CA VAL B 101 10.53 -0.54 -22.23
C VAL B 101 10.96 -0.88 -23.66
N TYR B 102 12.12 -1.52 -23.79
CA TYR B 102 12.66 -1.83 -25.10
C TYR B 102 12.39 -3.28 -25.48
N GLN B 103 11.41 -3.87 -24.80
CA GLN B 103 10.77 -5.12 -25.21
C GLN B 103 11.68 -6.34 -25.27
N ARG B 104 12.77 -6.32 -24.52
CA ARG B 104 13.61 -7.51 -24.35
C ARG B 104 13.02 -8.44 -23.29
N ALA B 105 12.12 -7.91 -22.47
CA ALA B 105 11.44 -8.69 -21.46
C ALA B 105 9.95 -8.39 -21.44
N VAL B 106 9.16 -9.44 -21.22
CA VAL B 106 7.71 -9.33 -21.11
C VAL B 106 7.33 -8.76 -19.75
N MET B 107 8.08 -9.13 -18.72
CA MET B 107 7.88 -8.52 -17.41
C MET B 107 9.16 -8.48 -16.60
N ALA B 108 9.16 -7.67 -15.55
CA ALA B 108 10.27 -7.56 -14.62
C ALA B 108 9.78 -7.89 -13.22
N VAL B 109 10.50 -8.79 -12.55
CA VAL B 109 10.14 -9.24 -11.21
C VAL B 109 11.29 -9.00 -10.27
N GLY B 110 11.00 -8.45 -9.10
CA GLY B 110 12.02 -8.25 -8.09
C GLY B 110 11.65 -7.12 -7.16
N SER B 111 12.66 -6.54 -6.53
CA SER B 111 12.46 -5.43 -5.62
C SER B 111 12.34 -4.12 -6.43
N LEU B 112 11.35 -4.08 -7.30
CA LEU B 112 11.18 -2.99 -8.24
C LEU B 112 10.13 -2.02 -7.73
N THR B 113 10.58 -0.82 -7.36
CA THR B 113 9.70 0.15 -6.72
C THR B 113 8.80 0.87 -7.71
N ILE B 114 7.50 0.89 -7.41
CA ILE B 114 6.54 1.65 -8.21
C ILE B 114 6.66 3.14 -7.93
N ASN B 115 6.95 3.92 -8.97
CA ASN B 115 6.81 5.37 -8.86
C ASN B 115 6.23 5.98 -10.13
N GLU B 116 6.02 7.29 -10.11
CA GLU B 116 5.31 7.97 -11.19
C GLU B 116 6.04 7.89 -12.53
N GLU B 117 7.31 8.25 -12.57
CA GLU B 117 8.01 8.35 -13.86
C GLU B 117 8.18 6.99 -14.53
N ARG B 118 8.29 5.94 -13.73
CA ARG B 118 8.34 4.58 -14.27
C ARG B 118 6.98 4.14 -14.82
N SER B 119 5.90 4.57 -14.17
CA SER B 119 4.55 4.20 -14.56
C SER B 119 4.15 4.85 -15.88
N GLU B 120 4.98 5.79 -16.35
CA GLU B 120 4.74 6.46 -17.63
C GLU B 120 5.25 5.63 -18.80
N VAL B 121 6.20 4.74 -18.55
CA VAL B 121 6.80 3.97 -19.64
C VAL B 121 6.55 2.45 -19.54
N VAL B 122 6.11 1.97 -18.37
CA VAL B 122 5.67 0.59 -18.23
C VAL B 122 4.38 0.53 -17.42
N ASP B 123 3.68 -0.60 -17.49
CA ASP B 123 2.53 -0.87 -16.62
C ASP B 123 2.96 -1.66 -15.39
N PHE B 124 2.50 -1.21 -14.22
CA PHE B 124 2.77 -1.92 -12.98
C PHE B 124 1.57 -2.70 -12.50
N SER B 125 1.85 -3.87 -11.94
CA SER B 125 0.84 -4.64 -11.22
C SER B 125 0.44 -3.90 -9.95
N VAL B 126 -0.55 -4.42 -9.23
CA VAL B 126 -0.81 -3.96 -7.88
C VAL B 126 0.44 -4.15 -7.06
N PRO B 127 0.67 -3.26 -6.08
CA PRO B 127 1.82 -3.44 -5.20
C PRO B 127 1.67 -4.72 -4.38
N PHE B 128 2.70 -5.56 -4.34
CA PHE B 128 2.61 -6.79 -3.57
C PHE B 128 3.56 -6.79 -2.37
N VAL B 129 4.44 -5.79 -2.29
CA VAL B 129 5.28 -5.59 -1.10
C VAL B 129 5.30 -4.12 -0.71
N GLU B 130 4.82 -3.82 0.49
CA GLU B 130 4.83 -2.45 0.99
C GLU B 130 6.25 -1.94 1.15
N THR B 131 6.51 -0.75 0.62
CA THR B 131 7.81 -0.16 0.82
C THR B 131 7.76 1.35 0.73
N GLY B 132 8.93 1.96 0.61
CA GLY B 132 9.07 3.40 0.55
C GLY B 132 10.47 3.80 0.95
N ILE B 133 10.61 4.98 1.55
CA ILE B 133 11.92 5.46 1.96
C ILE B 133 12.02 5.52 3.49
N SER B 134 12.97 4.77 4.03
CA SER B 134 13.22 4.77 5.47
C SER B 134 14.64 5.20 5.75
N VAL B 135 14.95 5.39 7.02
CA VAL B 135 16.28 5.80 7.44
C VAL B 135 16.83 4.80 8.45
N MET B 136 18.01 4.25 8.16
CA MET B 136 18.67 3.34 9.08
C MET B 136 19.79 4.02 9.86
N VAL B 137 19.75 3.87 11.18
CA VAL B 137 20.73 4.48 12.08
C VAL B 137 21.18 3.50 13.15
N SER B 138 22.14 3.91 13.96
CA SER B 138 22.48 3.17 15.18
C SER B 138 21.43 3.46 16.23
N ARG B 139 21.17 2.48 17.10
CA ARG B 139 20.09 2.59 18.07
C ARG B 139 20.26 3.80 18.98
N GLY B 140 19.19 4.59 19.11
CA GLY B 140 19.22 5.78 19.95
C GLY B 140 19.29 7.07 19.18
N THR B 141 19.82 7.02 17.95
CA THR B 141 19.99 8.22 17.13
C THR B 141 18.67 8.94 16.90
N GLN B 142 18.66 10.23 17.22
CA GLN B 142 17.44 11.03 17.19
C GLN B 142 17.30 11.80 15.89
N VAL B 143 16.42 11.30 15.03
CA VAL B 143 16.08 11.96 13.77
C VAL B 143 14.61 11.69 13.49
N THR B 144 13.86 12.72 13.11
CA THR B 144 12.43 12.56 12.88
C THR B 144 12.18 11.76 11.61
N GLY B 145 13.07 11.92 10.64
CA GLY B 145 12.97 11.25 9.36
C GLY B 145 13.62 12.08 8.28
N LEU B 146 13.19 11.91 7.03
CA LEU B 146 13.71 12.71 5.93
C LEU B 146 13.49 14.21 6.13
N SER B 147 12.40 14.54 6.80
CA SER B 147 12.02 15.93 7.02
C SER B 147 12.79 16.60 8.15
N ASP B 148 13.68 15.86 8.80
CA ASP B 148 14.48 16.41 9.87
C ASP B 148 15.50 17.43 9.34
N LYS B 149 15.71 18.51 10.09
CA LYS B 149 16.55 19.60 9.62
C LYS B 149 18.04 19.22 9.57
N LYS B 150 18.43 18.15 10.24
CA LYS B 150 19.80 17.67 10.12
C LYS B 150 20.04 17.13 8.70
N PHE B 151 18.97 16.66 8.08
CA PHE B 151 19.02 16.22 6.69
C PHE B 151 18.77 17.38 5.73
N GLN B 152 17.73 18.17 6.01
CA GLN B 152 17.30 19.28 5.15
C GLN B 152 18.36 20.37 5.01
N ARG B 153 18.96 20.75 6.14
CA ARG B 153 19.95 21.82 6.18
C ARG B 153 21.18 21.34 6.93
N PRO B 154 21.93 20.41 6.34
CA PRO B 154 23.00 19.69 7.04
C PRO B 154 24.06 20.60 7.66
N HIS B 155 24.37 21.71 7.00
CA HIS B 155 25.46 22.56 7.48
C HIS B 155 25.01 23.54 8.57
N ASP B 156 23.79 23.36 9.08
CA ASP B 156 23.33 24.10 10.24
C ASP B 156 23.80 23.43 11.54
N TYR B 157 24.64 22.41 11.39
CA TYR B 157 25.13 21.64 12.52
C TYR B 157 26.64 21.41 12.42
N SER B 158 27.33 21.55 13.55
CA SER B 158 28.75 21.26 13.62
C SER B 158 29.04 20.17 14.65
N PRO B 159 29.57 19.03 14.21
CA PRO B 159 29.85 18.77 12.80
C PRO B 159 28.60 18.34 12.04
N PRO B 160 28.60 18.47 10.71
CA PRO B 160 27.46 18.07 9.88
C PRO B 160 27.16 16.57 9.96
N PHE B 161 25.87 16.26 10.05
CA PHE B 161 25.39 14.88 9.97
C PHE B 161 25.82 14.26 8.64
N ARG B 162 26.43 13.08 8.71
CA ARG B 162 26.87 12.38 7.51
C ARG B 162 25.90 11.27 7.14
N PHE B 163 25.22 11.43 6.01
CA PHE B 163 24.20 10.47 5.58
C PHE B 163 24.26 10.31 4.07
N GLY B 164 23.83 9.15 3.58
CA GLY B 164 23.93 8.84 2.17
C GLY B 164 22.98 7.74 1.73
N THR B 165 22.87 7.56 0.42
CA THR B 165 22.05 6.50 -0.15
C THR B 165 22.86 5.72 -1.18
N VAL B 166 22.24 4.72 -1.80
CA VAL B 166 22.77 4.09 -3.00
C VAL B 166 22.16 4.80 -4.20
N PRO B 167 23.01 5.35 -5.09
CA PRO B 167 22.52 6.18 -6.20
C PRO B 167 21.75 5.41 -7.29
N ASN B 168 21.10 6.17 -8.16
CA ASN B 168 20.50 5.69 -9.41
C ASN B 168 19.21 4.87 -9.24
N GLY B 169 18.74 4.77 -8.00
CA GLY B 169 17.49 4.08 -7.73
C GLY B 169 16.34 5.01 -7.47
N SER B 170 15.21 4.46 -7.02
CA SER B 170 14.00 5.25 -6.82
C SER B 170 14.13 6.15 -5.58
N THR B 171 14.97 5.75 -4.63
CA THR B 171 15.22 6.57 -3.45
C THR B 171 15.99 7.85 -3.80
N GLU B 172 17.04 7.73 -4.60
CA GLU B 172 17.77 8.92 -5.04
C GLU B 172 16.91 9.84 -5.91
N ARG B 173 16.15 9.25 -6.83
CA ARG B 173 15.26 10.05 -7.70
C ARG B 173 14.31 10.92 -6.87
N ASN B 174 13.78 10.33 -5.81
CA ASN B 174 12.84 11.06 -4.97
C ASN B 174 13.50 12.21 -4.23
N ILE B 175 14.69 11.98 -3.70
CA ILE B 175 15.40 13.01 -2.95
C ILE B 175 15.86 14.15 -3.85
N ARG B 176 16.32 13.84 -5.06
CA ARG B 176 16.72 14.87 -6.01
C ARG B 176 15.56 15.80 -6.36
N ASN B 177 14.34 15.27 -6.36
CA ASN B 177 13.17 16.08 -6.73
C ASN B 177 12.56 16.86 -5.58
N ASN B 178 12.67 16.33 -4.36
CA ASN B 178 12.02 16.98 -3.22
C ASN B 178 12.94 17.83 -2.38
N TYR B 179 14.21 17.43 -2.29
CA TYR B 179 15.16 18.11 -1.40
C TYR B 179 16.47 18.40 -2.12
N PRO B 180 16.48 19.44 -2.97
CA PRO B 180 17.65 19.74 -3.80
C PRO B 180 18.94 19.95 -3.00
N TYR B 181 18.86 20.68 -1.89
CA TYR B 181 20.06 20.94 -1.10
C TYR B 181 20.58 19.67 -0.47
N MET B 182 19.68 18.93 0.19
CA MET B 182 20.04 17.65 0.79
C MET B 182 20.72 16.74 -0.22
N HIS B 183 20.13 16.67 -1.40
CA HIS B 183 20.64 15.78 -2.45
C HIS B 183 22.08 16.08 -2.85
N GLN B 184 22.40 17.35 -3.08
CA GLN B 184 23.74 17.69 -3.57
C GLN B 184 24.74 17.61 -2.43
N TYR B 185 24.23 17.63 -1.20
CA TYR B 185 25.07 17.38 -0.04
C TYR B 185 25.37 15.89 0.10
N MET B 186 24.36 15.06 -0.16
CA MET B 186 24.46 13.61 0.02
C MET B 186 25.50 12.94 -0.85
N THR B 187 25.62 13.43 -2.07
CA THR B 187 26.33 12.73 -3.13
C THR B 187 27.73 12.29 -2.72
N ARG B 188 28.38 13.05 -1.83
CA ARG B 188 29.71 12.67 -1.37
C ARG B 188 29.67 11.44 -0.47
N PHE B 189 28.49 11.12 0.04
CA PHE B 189 28.35 9.95 0.91
C PHE B 189 27.63 8.79 0.21
N ASN B 190 27.53 8.86 -1.12
CA ASN B 190 27.02 7.77 -1.93
C ASN B 190 27.69 6.45 -1.58
N GLN B 191 26.90 5.39 -1.52
CA GLN B 191 27.40 4.05 -1.24
C GLN B 191 27.24 3.18 -2.47
N ARG B 192 28.14 2.23 -2.67
CA ARG B 192 28.08 1.36 -3.84
C ARG B 192 26.93 0.35 -3.74
N GLY B 193 26.59 -0.03 -2.52
CA GLY B 193 25.51 -0.96 -2.29
C GLY B 193 25.17 -1.06 -0.81
N VAL B 194 24.12 -1.81 -0.51
CA VAL B 194 23.61 -1.92 0.86
C VAL B 194 24.69 -2.43 1.83
N GLU B 195 25.43 -3.46 1.40
CA GLU B 195 26.45 -4.04 2.26
C GLU B 195 27.51 -3.03 2.67
N ASP B 196 28.00 -2.26 1.70
CA ASP B 196 28.96 -1.18 1.98
C ASP B 196 28.40 -0.20 3.01
N ALA B 197 27.15 0.20 2.80
CA ALA B 197 26.50 1.19 3.67
C ALA B 197 26.36 0.70 5.12
N LEU B 198 25.98 -0.56 5.29
CA LEU B 198 25.84 -1.15 6.63
C LEU B 198 27.18 -1.21 7.34
N VAL B 199 28.26 -1.47 6.59
CA VAL B 199 29.60 -1.46 7.15
C VAL B 199 29.98 -0.05 7.59
N SER B 200 29.69 0.94 6.74
CA SER B 200 29.98 2.34 7.07
C SER B 200 29.23 2.80 8.32
N LEU B 201 28.05 2.25 8.55
CA LEU B 201 27.27 2.60 9.73
C LEU B 201 27.92 2.08 11.02
N LYS B 202 28.27 0.81 11.02
CA LYS B 202 28.80 0.16 12.22
C LYS B 202 30.22 0.60 12.57
N THR B 203 30.92 1.23 11.64
CA THR B 203 32.27 1.71 11.90
C THR B 203 32.32 3.23 12.10
N GLY B 204 31.16 3.86 12.07
CA GLY B 204 31.07 5.28 12.37
C GLY B 204 31.43 6.23 11.25
N LYS B 205 31.65 5.69 10.05
CA LYS B 205 31.98 6.54 8.91
C LYS B 205 30.72 7.16 8.31
N LEU B 206 29.56 6.63 8.71
CA LEU B 206 28.29 7.16 8.27
C LEU B 206 27.33 7.26 9.46
N ASP B 207 26.53 8.33 9.52
CA ASP B 207 25.59 8.51 10.62
C ASP B 207 24.20 7.96 10.29
N ALA B 208 23.83 8.04 9.02
CA ALA B 208 22.55 7.51 8.58
C ALA B 208 22.64 6.95 7.16
N PHE B 209 21.82 5.94 6.90
CA PHE B 209 21.69 5.35 5.57
C PHE B 209 20.24 5.43 5.12
N ILE B 210 20.00 6.14 4.03
CA ILE B 210 18.65 6.34 3.51
C ILE B 210 18.39 5.43 2.34
N TYR B 211 17.32 4.64 2.41
CA TYR B 211 17.12 3.60 1.40
C TYR B 211 15.72 3.01 1.44
N ASP B 212 15.43 2.13 0.50
CA ASP B 212 14.20 1.34 0.44
C ASP B 212 13.83 0.73 1.80
N ALA B 213 12.59 0.92 2.21
CA ALA B 213 12.12 0.51 3.53
C ALA B 213 12.09 -1.01 3.72
N ALA B 214 11.62 -1.74 2.70
CA ALA B 214 11.49 -3.18 2.82
C ALA B 214 12.85 -3.87 2.96
N VAL B 215 13.85 -3.36 2.24
CA VAL B 215 15.20 -3.91 2.36
C VAL B 215 15.83 -3.53 3.69
N LEU B 216 15.70 -2.27 4.09
CA LEU B 216 16.20 -1.83 5.39
C LEU B 216 15.56 -2.58 6.55
N ASN B 217 14.25 -2.80 6.50
CA ASN B 217 13.56 -3.56 7.54
C ASN B 217 14.03 -4.99 7.63
N TYR B 218 14.33 -5.58 6.48
CA TYR B 218 14.89 -6.92 6.42
C TYR B 218 16.27 -6.96 7.07
N LYS B 219 17.08 -5.95 6.78
CA LYS B 219 18.45 -5.91 7.28
C LYS B 219 18.52 -5.56 8.76
N ALA B 220 17.53 -4.80 9.25
CA ALA B 220 17.46 -4.51 10.68
C ALA B 220 17.20 -5.78 11.49
N GLY B 221 16.31 -6.62 10.98
CA GLY B 221 15.89 -7.82 11.68
C GLY B 221 16.95 -8.91 11.72
N ARG B 222 18.01 -8.75 10.95
CA ARG B 222 19.08 -9.74 10.93
C ARG B 222 20.43 -9.13 11.27
N ASP B 223 20.41 -7.92 11.82
CA ASP B 223 21.64 -7.27 12.28
C ASP B 223 22.16 -7.91 13.57
N GLU B 224 23.46 -8.12 13.64
CA GLU B 224 24.09 -8.73 14.81
C GLU B 224 24.33 -7.69 15.89
N GLY B 225 23.68 -7.88 17.04
CA GLY B 225 23.74 -6.92 18.12
C GLY B 225 22.45 -6.12 18.15
N CYS B 226 21.75 -6.12 17.01
CA CYS B 226 20.45 -5.46 16.86
C CYS B 226 20.51 -3.97 17.18
N LYS B 227 21.64 -3.33 16.90
CA LYS B 227 21.77 -1.91 17.17
C LYS B 227 21.61 -1.04 15.92
N LEU B 228 21.42 -1.68 14.77
CA LEU B 228 21.03 -0.95 13.56
C LEU B 228 19.52 -1.02 13.36
N VAL B 229 18.85 0.11 13.49
CA VAL B 229 17.40 0.15 13.38
C VAL B 229 16.91 1.14 12.34
N THR B 230 15.65 0.99 11.95
CA THR B 230 14.96 1.98 11.13
C THR B 230 14.39 3.06 12.05
N ILE B 231 14.32 4.28 11.54
CA ILE B 231 14.16 5.47 12.39
C ILE B 231 12.74 5.68 12.91
N GLY B 232 11.76 5.08 12.24
CA GLY B 232 10.36 5.20 12.61
C GLY B 232 9.98 5.07 14.08
N SER B 233 10.17 3.88 14.66
CA SER B 233 10.75 2.74 13.96
C SER B 233 9.67 1.97 13.20
N GLY B 234 9.72 2.07 11.88
CA GLY B 234 8.76 1.39 11.03
C GLY B 234 8.08 2.30 10.04
N TYR B 235 7.90 3.56 10.41
CA TYR B 235 7.20 4.52 9.56
C TYR B 235 7.99 4.83 8.29
N ILE B 236 7.26 5.25 7.26
CA ILE B 236 7.80 5.32 5.92
C ILE B 236 7.44 6.63 5.20
N PHE B 237 8.37 7.19 4.44
CA PHE B 237 8.10 8.33 3.58
C PHE B 237 7.90 7.88 2.15
N ALA B 238 7.01 8.56 1.43
CA ALA B 238 6.65 8.23 0.05
C ALA B 238 6.20 6.76 -0.06
N THR B 239 5.17 6.40 0.71
CA THR B 239 4.69 5.03 0.73
C THR B 239 4.28 4.56 -0.66
N THR B 240 4.73 3.36 -1.01
CA THR B 240 4.46 2.78 -2.31
C THR B 240 4.64 1.28 -2.19
N GLY B 241 4.89 0.59 -3.29
CA GLY B 241 5.13 -0.83 -3.24
C GLY B 241 6.06 -1.36 -4.31
N TYR B 242 6.57 -2.59 -4.11
CA TYR B 242 7.19 -3.34 -5.19
C TYR B 242 6.06 -3.76 -6.11
N GLY B 243 6.30 -3.70 -7.41
CA GLY B 243 5.33 -4.21 -8.37
C GLY B 243 5.96 -4.95 -9.54
N ILE B 244 5.18 -5.83 -10.16
CA ILE B 244 5.59 -6.48 -11.40
C ILE B 244 5.47 -5.48 -12.55
N ALA B 245 6.55 -5.23 -13.26
CA ALA B 245 6.52 -4.29 -14.37
C ALA B 245 6.19 -5.02 -15.66
N LEU B 246 5.26 -4.46 -16.43
CA LEU B 246 4.84 -5.05 -17.69
C LEU B 246 4.91 -4.02 -18.82
N GLN B 247 5.01 -4.52 -20.05
CA GLN B 247 4.97 -3.63 -21.22
C GLN B 247 3.67 -2.87 -21.28
N LYS B 248 3.74 -1.63 -21.75
CA LYS B 248 2.57 -0.76 -21.84
C LYS B 248 1.45 -1.44 -22.63
N GLY B 249 0.31 -1.64 -21.97
CA GLY B 249 -0.83 -2.27 -22.61
C GLY B 249 -0.74 -3.80 -22.67
N SER B 250 0.05 -4.38 -21.77
CA SER B 250 0.26 -5.83 -21.72
C SER B 250 -1.03 -6.61 -21.54
N PRO B 251 -1.17 -7.73 -22.26
CA PRO B 251 -2.34 -8.61 -22.17
C PRO B 251 -2.32 -9.47 -20.90
N TRP B 252 -1.23 -9.40 -20.14
CA TRP B 252 -1.07 -10.22 -18.95
C TRP B 252 -1.47 -9.47 -17.68
N LYS B 253 -1.70 -8.17 -17.81
CA LYS B 253 -1.81 -7.29 -16.66
C LYS B 253 -2.93 -7.63 -15.67
N ARG B 254 -4.16 -7.69 -16.15
CA ARG B 254 -5.29 -7.86 -15.22
C ARG B 254 -5.29 -9.27 -14.61
N GLN B 255 -4.80 -10.27 -15.34
CA GLN B 255 -4.67 -11.62 -14.81
C GLN B 255 -3.62 -11.67 -13.69
N ILE B 256 -2.52 -10.95 -13.86
CA ILE B 256 -1.48 -10.89 -12.85
C ILE B 256 -2.01 -10.19 -11.61
N ASP B 257 -2.72 -9.08 -11.82
CA ASP B 257 -3.34 -8.32 -10.73
C ASP B 257 -4.28 -9.17 -9.90
N LEU B 258 -5.23 -9.83 -10.56
CA LEU B 258 -6.21 -10.64 -9.83
C LEU B 258 -5.52 -11.78 -9.10
N ALA B 259 -4.46 -12.33 -9.71
CA ALA B 259 -3.71 -13.40 -9.10
C ALA B 259 -3.03 -12.93 -7.81
N LEU B 260 -2.33 -11.80 -7.87
CA LEU B 260 -1.66 -11.25 -6.70
C LEU B 260 -2.64 -10.96 -5.57
N LEU B 261 -3.78 -10.36 -5.92
CA LEU B 261 -4.82 -10.06 -4.94
C LEU B 261 -5.38 -11.35 -4.33
N GLN B 262 -5.51 -12.39 -5.14
CA GLN B 262 -5.96 -13.70 -4.65
C GLN B 262 -4.98 -14.24 -3.61
N PHE B 263 -3.68 -14.17 -3.91
CA PHE B 263 -2.64 -14.64 -3.00
C PHE B 263 -2.73 -13.95 -1.65
N VAL B 264 -3.04 -12.65 -1.68
CA VAL B 264 -3.18 -11.84 -0.48
C VAL B 264 -4.36 -12.29 0.37
N GLY B 265 -5.50 -12.48 -0.28
CA GLY B 265 -6.73 -12.85 0.39
C GLY B 265 -6.76 -14.25 0.97
N ASP B 266 -6.04 -15.19 0.37
CA ASP B 266 -6.13 -16.59 0.81
C ASP B 266 -4.93 -17.02 1.66
N GLY B 267 -4.16 -16.05 2.14
CA GLY B 267 -3.10 -16.33 3.10
C GLY B 267 -1.72 -16.64 2.55
N GLU B 268 -1.62 -16.93 1.25
CA GLU B 268 -0.35 -17.32 0.65
C GLU B 268 0.73 -16.25 0.79
N MET B 269 0.34 -14.98 0.76
CA MET B 269 1.30 -13.88 0.82
C MET B 269 1.98 -13.78 2.19
N GLU B 270 1.19 -13.87 3.25
CA GLU B 270 1.72 -13.76 4.61
C GLU B 270 2.66 -14.92 4.94
N GLU B 271 2.42 -16.07 4.33
CA GLU B 271 3.29 -17.22 4.55
C GLU B 271 4.64 -17.06 3.83
N LEU B 272 4.65 -16.36 2.69
CA LEU B 272 5.91 -16.08 2.00
C LEU B 272 6.73 -15.07 2.79
N GLU B 273 6.02 -14.19 3.48
CA GLU B 273 6.66 -13.19 4.32
C GLU B 273 7.40 -13.86 5.48
N THR B 274 6.71 -14.74 6.19
CA THR B 274 7.32 -15.43 7.33
C THR B 274 8.45 -16.35 6.86
N LEU B 275 8.28 -16.93 5.68
CA LEU B 275 9.27 -17.81 5.08
C LEU B 275 10.59 -17.11 4.72
N TRP B 276 10.50 -15.86 4.25
CA TRP B 276 11.69 -15.16 3.75
C TRP B 276 12.11 -13.92 4.55
N LEU B 277 11.24 -13.41 5.42
CA LEU B 277 11.50 -12.11 6.04
C LEU B 277 11.29 -12.08 7.55
N THR B 278 11.35 -13.25 8.19
CA THR B 278 11.37 -13.28 9.65
C THR B 278 12.77 -12.96 10.14
N GLY B 279 12.88 -11.92 10.97
CA GLY B 279 14.16 -11.55 11.54
C GLY B 279 14.34 -12.04 12.96
N ILE B 280 15.38 -11.55 13.62
CA ILE B 280 15.65 -11.90 15.02
C ILE B 280 15.34 -10.72 15.93
N CYS B 281 15.62 -9.52 15.45
CA CYS B 281 15.39 -8.30 16.22
C CYS B 281 13.95 -7.82 16.08
N GLY C . -12.52 -0.12 4.02
CA GLY C . -13.84 -0.71 4.21
C GLY C . -14.32 -1.42 2.96
O GLY C . -13.80 -1.20 1.87
OXT GLY C . -15.25 -2.23 3.03
N GLU D . 13.85 -0.52 -4.97
CA GLU D . 14.58 0.60 -5.55
C GLU D . 14.25 0.77 -7.02
O GLU D . 13.42 0.04 -7.56
CB GLU D . 16.08 0.41 -5.38
CG GLU D . 16.60 0.85 -4.03
CD GLU D . 16.32 2.30 -3.75
OE1 GLU D . 15.85 2.60 -2.63
OE2 GLU D . 16.56 3.16 -4.63
OXT GLU D . 14.83 1.63 -7.68
C01 67P E . 7.85 -7.58 3.92
C02 67P E . 7.18 -8.58 3.18
C03 67P E . 5.94 -8.32 2.58
C04 67P E . 5.35 -7.06 2.74
C05 67P E . 6.01 -6.06 3.47
C06 67P E . 7.27 -6.33 4.06
C07 67P E . 3.98 -6.75 2.08
O08 67P E . 3.63 -5.56 1.97
N09 67P E . 3.11 -7.78 1.59
N10 67P E . 1.96 -7.41 1.00
C11 67P E . 0.67 -7.48 1.53
O12 67P E . 0.46 -7.92 2.63
C13 67P E . -0.50 -6.98 0.64
C14 67P E . -1.68 -6.49 1.20
C15 67P E . -2.72 -6.04 0.39
C16 67P E . -2.58 -6.06 -1.01
C17 67P E . -1.40 -6.55 -1.57
C18 67P E . -0.36 -7.00 -0.75
C19 67P E . -3.71 -5.57 -1.92
N20 67P E . -4.18 -4.24 -1.60
S21 67P E . -3.23 -2.91 -1.86
O22 67P E . -2.79 -2.82 -3.22
O23 67P E . -3.97 -1.69 -1.69
C24 67P E . -1.85 -2.96 -0.69
C25 67P E . -2.05 -2.63 0.61
C26 67P E . -0.99 -2.69 1.53
C27 67P E . 0.28 -3.12 1.08
C28 67P E . 0.47 -3.46 -0.23
C29 67P E . -0.57 -3.39 -1.13
CL 67P E . 2.04 -4.00 -0.82
F31 67P E . 1.29 -3.18 1.96
#